data_5FMP
#
_entry.id   5FMP
#
_cell.length_a   80.530
_cell.length_b   62.781
_cell.length_c   98.647
_cell.angle_alpha   90.00
_cell.angle_beta   89.90
_cell.angle_gamma   90.00
#
_symmetry.space_group_name_H-M   'C 1 2 1'
#
loop_
_entity.id
_entity.type
_entity.pdbx_description
1 polymer 'HTH-TYPE TRANSCRIPTIONAL REPRESSOR KSTR'
2 polymer "5'-D(*CP*TP*AP*GP*AP*AP*CP*GP*TP*GP*TP*TP*CP*TP*AP*A)-3'"
3 polymer "5'-D(*TP*TP*AP*GP*AP*AP*CP*AP*CP*GP*TP*TP*CP*TP*AP*G)-3'"
4 water water
#
loop_
_entity_poly.entity_id
_entity_poly.type
_entity_poly.pdbx_seq_one_letter_code
_entity_poly.pdbx_strand_id
1 'polypeptide(L)'
;MAVLAESELGSEAQRERRKRILDATMAIASKGGYEAVQMRAVADRADVAVGTLYRYFPSKVHLLVSALGREFSRIDAKTD
RSAVAGATPFQRLNFMVGKLNRAMQRNPLLTEAMTRAYVFADASAASEVDQVEKLIDSMFARAMANGEPTEDQYHIARVI
SDVWLSNLLAWLTRRASATDVSKRLDLAVRLLIGDQDSAHHHHHH
;
A,B
2 'polydeoxyribonucleotide' (DC)(DT)(DA)(DG)(DA)(DA)(DC)(DG)(DT)(DG)(DT)(DT)(DC)(DT)(DA)(DA) C
3 'polydeoxyribonucleotide' (DT)(DT)(DA)(DG)(DA)(DA)(DC)(DA)(DC)(DG)(DT)(DT)(DC)(DT)(DA)(DG) D
#
loop_
_chem_comp.id
_chem_comp.type
_chem_comp.name
_chem_comp.formula
DA DNA linking 2'-DEOXYADENOSINE-5'-MONOPHOSPHATE 'C10 H14 N5 O6 P'
DC DNA linking 2'-DEOXYCYTIDINE-5'-MONOPHOSPHATE 'C9 H14 N3 O7 P'
DG DNA linking 2'-DEOXYGUANOSINE-5'-MONOPHOSPHATE 'C10 H14 N5 O7 P'
DT DNA linking THYMIDINE-5'-MONOPHOSPHATE 'C10 H15 N2 O8 P'
#
# COMPACT_ATOMS: atom_id res chain seq x y z
N GLY A 10 -21.10 -23.18 0.21
CA GLY A 10 -22.15 -24.18 0.56
C GLY A 10 -22.69 -24.81 -0.72
N SER A 11 -24.00 -24.71 -0.95
CA SER A 11 -24.69 -25.33 -2.12
C SER A 11 -24.15 -24.96 -3.51
N GLU A 12 -24.48 -25.79 -4.50
CA GLU A 12 -23.95 -25.64 -5.87
C GLU A 12 -24.39 -24.32 -6.47
N ALA A 13 -25.66 -24.00 -6.24
CA ALA A 13 -26.27 -22.78 -6.71
C ALA A 13 -25.56 -21.60 -6.08
N GLN A 14 -25.36 -21.68 -4.77
CA GLN A 14 -24.67 -20.64 -4.04
C GLN A 14 -23.21 -20.43 -4.50
N ARG A 15 -22.46 -21.51 -4.72
CA ARG A 15 -21.10 -21.42 -5.31
C ARG A 15 -21.18 -20.81 -6.72
N GLU A 16 -22.29 -21.08 -7.41
CA GLU A 16 -22.52 -20.57 -8.75
C GLU A 16 -22.87 -19.06 -8.75
N ARG A 17 -23.61 -18.60 -7.74
N ARG A 17 -23.63 -18.59 -7.74
CA ARG A 17 -23.94 -17.18 -7.59
CA ARG A 17 -23.94 -17.16 -7.62
C ARG A 17 -22.68 -16.40 -7.25
C ARG A 17 -22.70 -16.36 -7.22
N ARG A 18 -21.88 -16.94 -6.34
CA ARG A 18 -20.63 -16.32 -5.91
C ARG A 18 -19.70 -16.07 -7.07
N LYS A 19 -19.65 -17.02 -7.99
CA LYS A 19 -18.73 -17.00 -9.11
C LYS A 19 -19.24 -16.01 -10.15
N ARG A 20 -20.56 -15.92 -10.20
CA ARG A 20 -21.21 -15.09 -11.17
C ARG A 20 -20.97 -13.64 -10.73
N ILE A 21 -21.19 -13.36 -9.45
CA ILE A 21 -20.86 -12.05 -8.85
C ILE A 21 -19.39 -11.59 -9.06
N LEU A 22 -18.45 -12.53 -8.91
CA LEU A 22 -17.05 -12.22 -9.05
C LEU A 22 -16.70 -12.06 -10.51
N ASP A 23 -17.28 -12.86 -11.40
CA ASP A 23 -17.07 -12.61 -12.85
C ASP A 23 -17.63 -11.24 -13.30
N ALA A 24 -18.82 -10.87 -12.83
CA ALA A 24 -19.37 -9.52 -13.10
C ALA A 24 -18.38 -8.44 -12.68
N THR A 25 -17.98 -8.49 -11.42
CA THR A 25 -17.05 -7.51 -10.83
C THR A 25 -15.78 -7.29 -11.66
N MET A 26 -15.16 -8.40 -12.06
CA MET A 26 -13.98 -8.32 -12.89
C MET A 26 -14.26 -7.87 -14.30
N ALA A 27 -15.42 -8.24 -14.87
CA ALA A 27 -15.77 -7.74 -16.20
C ALA A 27 -15.93 -6.24 -16.17
N ILE A 28 -16.68 -5.76 -15.17
CA ILE A 28 -16.90 -4.31 -15.03
C ILE A 28 -15.60 -3.57 -14.72
N ALA A 29 -14.81 -4.12 -13.81
CA ALA A 29 -13.57 -3.45 -13.40
C ALA A 29 -12.61 -3.30 -14.58
N SER A 30 -12.66 -4.26 -15.50
CA SER A 30 -11.83 -4.24 -16.69
C SER A 30 -12.07 -3.08 -17.61
N LYS A 31 -13.31 -2.62 -17.67
CA LYS A 31 -13.69 -1.59 -18.61
C LYS A 31 -13.68 -0.23 -17.95
N GLY A 32 -13.72 -0.19 -16.63
CA GLY A 32 -13.96 1.08 -15.93
C GLY A 32 -13.18 1.34 -14.68
N GLY A 33 -12.43 0.37 -14.20
CA GLY A 33 -11.69 0.56 -12.96
C GLY A 33 -12.58 0.61 -11.75
N TYR A 34 -11.99 1.15 -10.69
CA TYR A 34 -12.59 1.13 -9.37
C TYR A 34 -13.85 1.93 -9.31
N GLU A 35 -13.88 3.06 -10.00
CA GLU A 35 -15.02 3.96 -9.93
C GLU A 35 -16.26 3.30 -10.58
N ALA A 36 -16.08 2.42 -11.58
CA ALA A 36 -17.17 1.70 -12.27
C ALA A 36 -17.66 0.43 -11.57
N VAL A 37 -16.96 -0.03 -10.55
CA VAL A 37 -17.40 -1.22 -9.84
C VAL A 37 -18.46 -0.72 -8.87
N GLN A 38 -19.67 -0.54 -9.41
CA GLN A 38 -20.75 0.03 -8.61
C GLN A 38 -21.62 -1.10 -8.33
N MET A 39 -22.15 -1.07 -7.14
CA MET A 39 -22.80 -2.19 -6.52
C MET A 39 -24.11 -2.53 -7.20
N ARG A 40 -24.85 -1.51 -7.66
CA ARG A 40 -26.05 -1.78 -8.50
C ARG A 40 -25.68 -2.41 -9.80
N ALA A 41 -24.58 -1.96 -10.40
CA ALA A 41 -24.12 -2.52 -11.68
C ALA A 41 -23.64 -3.95 -11.50
N VAL A 42 -22.87 -4.21 -10.46
CA VAL A 42 -22.38 -5.61 -10.24
C VAL A 42 -23.57 -6.55 -10.06
N ALA A 43 -24.46 -6.17 -9.15
CA ALA A 43 -25.69 -6.89 -8.90
C ALA A 43 -26.45 -7.13 -10.19
N ASP A 44 -26.86 -6.05 -10.85
CA ASP A 44 -27.59 -6.16 -12.10
C ASP A 44 -26.96 -7.18 -13.04
N ARG A 45 -25.65 -7.05 -13.25
CA ARG A 45 -24.98 -7.90 -14.21
C ARG A 45 -24.79 -9.35 -13.75
N ALA A 46 -24.81 -9.59 -12.44
CA ALA A 46 -24.76 -10.94 -11.91
C ALA A 46 -26.17 -11.45 -11.72
N ASP A 47 -27.15 -10.64 -12.13
CA ASP A 47 -28.55 -10.99 -12.03
C ASP A 47 -28.99 -11.34 -10.63
N VAL A 48 -28.67 -10.47 -9.70
CA VAL A 48 -29.08 -10.68 -8.33
C VAL A 48 -29.46 -9.30 -7.89
N ALA A 49 -30.32 -9.24 -6.88
CA ALA A 49 -30.65 -7.99 -6.24
C ALA A 49 -29.47 -7.60 -5.36
N VAL A 50 -29.45 -6.33 -5.01
CA VAL A 50 -28.34 -5.76 -4.30
C VAL A 50 -28.24 -6.35 -2.88
N GLY A 51 -29.38 -6.69 -2.26
CA GLY A 51 -29.41 -7.32 -0.92
C GLY A 51 -28.76 -8.70 -0.93
N THR A 52 -28.91 -9.44 -2.03
CA THR A 52 -28.22 -10.70 -2.22
C THR A 52 -26.68 -10.51 -2.37
N LEU A 53 -26.30 -9.54 -3.23
CA LEU A 53 -24.91 -9.11 -3.33
C LEU A 53 -24.30 -8.86 -1.92
N TYR A 54 -24.91 -7.99 -1.13
CA TYR A 54 -24.43 -7.81 0.26
C TYR A 54 -24.48 -9.03 1.15
N ARG A 55 -25.37 -10.00 0.90
CA ARG A 55 -25.31 -11.30 1.61
C ARG A 55 -23.95 -12.01 1.34
N TYR A 56 -23.50 -12.02 0.09
CA TYR A 56 -22.29 -12.74 -0.31
C TYR A 56 -20.99 -11.98 -0.02
N PHE A 57 -21.02 -10.65 -0.13
CA PHE A 57 -19.84 -9.77 0.09
C PHE A 57 -20.34 -8.52 0.76
N PRO A 58 -19.91 -8.28 2.00
CA PRO A 58 -20.50 -7.21 2.79
C PRO A 58 -20.00 -5.77 2.48
N SER A 59 -19.17 -5.59 1.45
CA SER A 59 -18.75 -4.24 1.04
C SER A 59 -18.10 -4.30 -0.33
N LYS A 60 -18.04 -3.14 -0.99
CA LYS A 60 -17.36 -3.04 -2.27
C LYS A 60 -15.93 -3.52 -2.11
N VAL A 61 -15.29 -3.18 -1.01
CA VAL A 61 -13.91 -3.54 -0.80
C VAL A 61 -13.71 -5.06 -0.61
N HIS A 62 -14.53 -5.69 0.24
CA HIS A 62 -14.55 -7.18 0.40
C HIS A 62 -14.71 -7.82 -0.97
N LEU A 63 -15.70 -7.36 -1.71
CA LEU A 63 -15.94 -7.90 -3.05
C LEU A 63 -14.65 -7.90 -3.89
N LEU A 64 -13.98 -6.75 -3.93
CA LEU A 64 -12.80 -6.60 -4.78
C LEU A 64 -11.58 -7.38 -4.29
N VAL A 65 -11.38 -7.39 -2.98
CA VAL A 65 -10.30 -8.18 -2.39
C VAL A 65 -10.53 -9.70 -2.58
N SER A 66 -11.77 -10.20 -2.51
CA SER A 66 -12.04 -11.61 -2.91
C SER A 66 -11.78 -11.86 -4.40
N ALA A 67 -12.09 -10.90 -5.26
CA ALA A 67 -11.84 -11.11 -6.68
C ALA A 67 -10.36 -11.23 -6.91
N LEU A 68 -9.59 -10.49 -6.09
CA LEU A 68 -8.16 -10.44 -6.22
C LEU A 68 -7.56 -11.74 -5.61
N GLY A 69 -8.07 -12.14 -4.45
CA GLY A 69 -7.83 -13.47 -3.88
C GLY A 69 -8.03 -14.62 -4.86
N ARG A 70 -9.13 -14.61 -5.61
CA ARG A 70 -9.43 -15.70 -6.55
C ARG A 70 -8.53 -15.67 -7.79
N GLU A 71 -8.09 -14.49 -8.18
CA GLU A 71 -7.23 -14.36 -9.37
C GLU A 71 -5.81 -14.85 -9.07
N PHE A 72 -5.31 -14.57 -7.86
CA PHE A 72 -4.01 -15.05 -7.46
C PHE A 72 -3.99 -16.57 -7.23
N SER A 73 -5.06 -17.14 -6.70
CA SER A 73 -5.16 -18.58 -6.57
C SER A 73 -4.95 -19.25 -7.94
N ARG A 74 -5.62 -18.69 -8.95
CA ARG A 74 -5.54 -19.22 -10.30
C ARG A 74 -4.15 -19.06 -10.94
N ILE A 75 -3.56 -17.87 -10.83
CA ILE A 75 -2.21 -17.62 -11.29
C ILE A 75 -1.26 -18.60 -10.60
N ASP A 76 -1.43 -18.78 -9.29
CA ASP A 76 -0.68 -19.79 -8.53
C ASP A 76 -0.69 -21.18 -9.18
N ALA A 77 -1.83 -21.59 -9.76
CA ALA A 77 -1.91 -22.87 -10.50
C ALA A 77 -1.14 -22.83 -11.84
N LYS A 78 -1.48 -21.87 -12.71
CA LYS A 78 -0.74 -21.67 -13.98
C LYS A 78 0.78 -21.37 -13.78
N THR A 79 1.29 -21.39 -12.53
CA THR A 79 2.67 -20.96 -12.23
C THR A 79 3.60 -22.03 -11.62
N ASP A 80 3.09 -23.24 -11.33
CA ASP A 80 3.88 -24.27 -10.57
C ASP A 80 5.17 -24.85 -11.22
N ARG A 81 5.13 -25.15 -12.52
CA ARG A 81 6.33 -25.61 -13.23
C ARG A 81 7.22 -24.40 -13.62
N SER A 82 6.61 -23.38 -14.25
CA SER A 82 7.32 -22.17 -14.69
C SER A 82 8.16 -21.57 -13.56
N ALA A 83 7.51 -21.28 -12.44
CA ALA A 83 8.16 -20.64 -11.29
C ALA A 83 9.41 -21.39 -10.83
N VAL A 84 9.28 -22.73 -10.81
CA VAL A 84 10.39 -23.65 -10.57
C VAL A 84 11.18 -24.02 -11.86
N ALA A 85 11.07 -23.21 -12.94
CA ALA A 85 11.87 -23.44 -14.17
C ALA A 85 13.38 -23.06 -14.03
N GLY A 86 13.72 -21.76 -13.96
CA GLY A 86 15.11 -21.30 -13.84
C GLY A 86 16.05 -22.08 -12.91
N ALA A 87 17.35 -22.02 -13.20
CA ALA A 87 18.30 -22.90 -12.53
C ALA A 87 18.87 -22.38 -11.21
N THR A 88 18.62 -21.13 -10.86
CA THR A 88 19.10 -20.59 -9.59
C THR A 88 17.96 -19.86 -8.88
N PRO A 89 18.07 -19.65 -7.57
CA PRO A 89 17.01 -18.89 -6.89
C PRO A 89 16.77 -17.53 -7.55
N PHE A 90 17.84 -16.73 -7.65
CA PHE A 90 17.84 -15.45 -8.39
C PHE A 90 16.96 -15.44 -9.61
N GLN A 91 17.14 -16.44 -10.44
CA GLN A 91 16.46 -16.52 -11.71
C GLN A 91 14.99 -16.92 -11.59
N ARG A 92 14.71 -17.87 -10.70
CA ARG A 92 13.34 -18.29 -10.51
C ARG A 92 12.48 -17.15 -9.96
N LEU A 93 13.09 -16.31 -9.14
CA LEU A 93 12.42 -15.17 -8.54
C LEU A 93 12.17 -14.05 -9.56
N ASN A 94 13.22 -13.64 -10.27
CA ASN A 94 13.09 -12.69 -11.35
C ASN A 94 11.98 -13.12 -12.31
N PHE A 95 11.85 -14.43 -12.47
CA PHE A 95 10.91 -14.94 -13.43
C PHE A 95 9.49 -14.78 -12.88
N MET A 96 9.31 -15.16 -11.62
CA MET A 96 8.00 -15.07 -10.99
C MET A 96 7.53 -13.66 -10.84
N VAL A 97 8.41 -12.77 -10.37
CA VAL A 97 8.12 -11.34 -10.32
C VAL A 97 7.63 -10.86 -11.67
N GLY A 98 8.31 -11.29 -12.74
CA GLY A 98 8.02 -10.86 -14.09
C GLY A 98 6.68 -11.37 -14.59
N LYS A 99 6.35 -12.63 -14.31
CA LYS A 99 5.07 -13.15 -14.76
C LYS A 99 3.94 -12.40 -14.07
N LEU A 100 4.10 -12.18 -12.77
CA LEU A 100 3.13 -11.42 -11.98
C LEU A 100 2.98 -9.97 -12.40
N ASN A 101 4.09 -9.27 -12.59
CA ASN A 101 4.09 -7.93 -13.19
C ASN A 101 3.35 -7.85 -14.49
N ARG A 102 3.60 -8.84 -15.34
CA ARG A 102 2.93 -8.90 -16.65
C ARG A 102 1.45 -9.13 -16.49
N ALA A 103 1.05 -10.17 -15.76
CA ALA A 103 -0.38 -10.41 -15.46
C ALA A 103 -1.09 -9.14 -15.04
N MET A 104 -0.46 -8.34 -14.19
CA MET A 104 -1.05 -7.09 -13.73
C MET A 104 -1.13 -6.03 -14.83
N GLN A 105 -0.13 -5.98 -15.69
CA GLN A 105 -0.13 -4.97 -16.76
C GLN A 105 -1.11 -5.35 -17.89
N ARG A 106 -1.58 -6.60 -17.91
CA ARG A 106 -2.48 -7.06 -18.97
C ARG A 106 -3.80 -6.29 -18.97
N ASN A 107 -4.30 -5.91 -17.81
CA ASN A 107 -5.50 -5.11 -17.73
C ASN A 107 -5.40 -4.03 -16.68
N PRO A 108 -4.85 -2.88 -17.05
CA PRO A 108 -4.58 -1.92 -16.00
C PRO A 108 -5.78 -1.52 -15.13
N LEU A 109 -6.99 -1.46 -15.70
CA LEU A 109 -8.15 -0.96 -14.98
C LEU A 109 -8.67 -2.02 -14.03
N LEU A 110 -8.70 -3.27 -14.47
CA LEU A 110 -8.96 -4.40 -13.55
C LEU A 110 -7.95 -4.50 -12.41
N THR A 111 -6.67 -4.29 -12.71
CA THR A 111 -5.65 -4.26 -11.66
C THR A 111 -5.88 -3.12 -10.70
N GLU A 112 -6.21 -1.98 -11.28
CA GLU A 112 -6.42 -0.78 -10.49
C GLU A 112 -7.49 -0.99 -9.42
N ALA A 113 -8.62 -1.57 -9.82
CA ALA A 113 -9.75 -1.75 -8.92
C ALA A 113 -9.44 -2.70 -7.73
N MET A 114 -8.79 -3.83 -8.05
CA MET A 114 -8.43 -4.80 -7.04
C MET A 114 -7.35 -4.31 -6.11
N THR A 115 -6.32 -3.69 -6.68
CA THR A 115 -5.18 -3.22 -5.87
C THR A 115 -5.58 -2.11 -4.91
N ARG A 116 -6.39 -1.14 -5.36
CA ARG A 116 -6.81 -0.06 -4.46
C ARG A 116 -7.72 -0.55 -3.32
N ALA A 117 -8.63 -1.46 -3.64
CA ALA A 117 -9.44 -2.14 -2.60
C ALA A 117 -8.54 -2.87 -1.60
N TYR A 118 -7.54 -3.57 -2.12
CA TYR A 118 -6.57 -4.30 -1.31
C TYR A 118 -5.82 -3.44 -0.28
N VAL A 119 -5.33 -2.26 -0.70
CA VAL A 119 -4.60 -1.34 0.21
C VAL A 119 -5.52 -0.45 1.03
N PHE A 120 -6.74 -0.25 0.53
CA PHE A 120 -7.68 0.59 1.25
C PHE A 120 -8.39 -0.18 2.37
N ALA A 121 -8.51 -1.51 2.21
CA ALA A 121 -9.26 -2.34 3.13
C ALA A 121 -8.94 -2.06 4.60
N ASP A 122 -9.97 -1.93 5.43
CA ASP A 122 -9.77 -1.84 6.87
C ASP A 122 -9.79 -3.25 7.49
N ALA A 123 -9.66 -3.28 8.82
CA ALA A 123 -9.63 -4.48 9.65
C ALA A 123 -10.78 -5.46 9.44
N SER A 124 -11.96 -4.96 9.01
CA SER A 124 -13.12 -5.84 8.78
C SER A 124 -12.91 -6.69 7.57
N ALA A 125 -11.90 -6.38 6.76
CA ALA A 125 -11.56 -7.27 5.64
C ALA A 125 -10.26 -8.07 5.85
N ALA A 126 -9.69 -7.98 7.04
CA ALA A 126 -8.34 -8.52 7.29
C ALA A 126 -8.18 -9.95 6.77
N SER A 127 -9.19 -10.78 6.98
CA SER A 127 -9.03 -12.16 6.63
C SER A 127 -8.82 -12.30 5.10
N GLU A 128 -9.59 -11.54 4.31
CA GLU A 128 -9.40 -11.53 2.84
C GLU A 128 -8.07 -10.94 2.38
N VAL A 129 -7.66 -9.86 3.04
CA VAL A 129 -6.40 -9.20 2.74
C VAL A 129 -5.25 -10.16 3.08
N ASP A 130 -5.38 -10.82 4.23
CA ASP A 130 -4.40 -11.86 4.65
C ASP A 130 -4.17 -12.94 3.61
N GLN A 131 -5.23 -13.57 3.08
CA GLN A 131 -5.08 -14.66 2.11
C GLN A 131 -4.26 -14.25 0.92
N VAL A 132 -4.62 -13.10 0.34
CA VAL A 132 -3.90 -12.49 -0.79
C VAL A 132 -2.40 -12.25 -0.49
N GLU A 133 -2.09 -11.64 0.65
CA GLU A 133 -0.69 -11.45 1.06
C GLU A 133 0.07 -12.80 1.20
N LYS A 134 -0.60 -13.82 1.74
CA LYS A 134 0.01 -15.13 1.98
C LYS A 134 0.27 -15.86 0.68
N LEU A 135 -0.74 -15.88 -0.18
CA LEU A 135 -0.63 -16.44 -1.53
C LEU A 135 0.56 -15.84 -2.32
N ILE A 136 0.71 -14.52 -2.25
CA ILE A 136 1.76 -13.80 -2.97
C ILE A 136 3.15 -14.11 -2.42
N ASP A 137 3.30 -13.95 -1.10
CA ASP A 137 4.49 -14.42 -0.36
C ASP A 137 4.93 -15.87 -0.73
N SER A 138 3.94 -16.76 -0.76
CA SER A 138 4.16 -18.15 -1.08
C SER A 138 4.51 -18.41 -2.53
N MET A 139 3.90 -17.67 -3.46
CA MET A 139 4.29 -17.84 -4.87
C MET A 139 5.77 -17.47 -5.04
N PHE A 140 6.16 -16.32 -4.49
CA PHE A 140 7.54 -15.89 -4.52
C PHE A 140 8.53 -16.81 -3.78
N ALA A 141 8.17 -17.27 -2.58
CA ALA A 141 9.02 -18.14 -1.75
C ALA A 141 9.27 -19.46 -2.46
N ARG A 142 8.20 -20.09 -2.89
CA ARG A 142 8.27 -21.39 -3.52
C ARG A 142 8.96 -21.38 -4.90
N ALA A 143 9.04 -20.21 -5.53
CA ALA A 143 9.75 -20.06 -6.79
C ALA A 143 11.26 -19.92 -6.51
N MET A 144 11.60 -18.98 -5.67
CA MET A 144 12.95 -18.80 -5.16
C MET A 144 13.63 -20.08 -4.66
N ALA A 145 12.88 -20.87 -3.88
CA ALA A 145 13.37 -22.10 -3.22
C ALA A 145 13.18 -23.32 -4.10
N ASN A 146 12.46 -23.17 -5.19
CA ASN A 146 12.15 -24.31 -6.07
C ASN A 146 11.37 -25.42 -5.36
N GLY A 147 10.49 -25.05 -4.44
CA GLY A 147 9.67 -26.01 -3.70
C GLY A 147 9.42 -25.42 -2.34
N GLU A 148 9.37 -26.28 -1.33
CA GLU A 148 9.12 -25.80 0.02
C GLU A 148 10.18 -24.78 0.43
N PRO A 149 9.78 -23.56 0.78
CA PRO A 149 10.83 -22.61 1.15
C PRO A 149 11.39 -22.85 2.52
N THR A 150 12.60 -22.34 2.77
CA THR A 150 13.15 -22.23 4.12
C THR A 150 12.62 -20.97 4.78
N GLU A 151 12.94 -20.86 6.06
CA GLU A 151 12.61 -19.70 6.85
C GLU A 151 13.16 -18.40 6.22
N ASP A 152 14.46 -18.39 5.93
CA ASP A 152 15.16 -17.26 5.27
C ASP A 152 14.55 -16.87 3.90
N GLN A 153 14.12 -17.87 3.15
CA GLN A 153 13.51 -17.66 1.85
C GLN A 153 12.10 -17.10 1.92
N TYR A 154 11.38 -17.32 3.01
CA TYR A 154 10.04 -16.80 3.14
C TYR A 154 10.11 -15.33 3.49
N HIS A 155 11.04 -15.00 4.37
CA HIS A 155 11.27 -13.64 4.83
C HIS A 155 11.76 -12.77 3.70
N ILE A 156 12.65 -13.30 2.86
CA ILE A 156 13.08 -12.59 1.69
C ILE A 156 11.89 -12.36 0.75
N ALA A 157 11.07 -13.40 0.55
CA ALA A 157 9.89 -13.32 -0.30
C ALA A 157 8.90 -12.21 0.10
N ARG A 158 8.74 -12.01 1.42
CA ARG A 158 7.86 -10.97 1.94
C ARG A 158 8.36 -9.56 1.55
N VAL A 159 9.67 -9.34 1.69
CA VAL A 159 10.27 -8.06 1.38
C VAL A 159 10.05 -7.73 -0.10
N ILE A 160 10.23 -8.73 -0.95
CA ILE A 160 9.99 -8.58 -2.37
C ILE A 160 8.51 -8.34 -2.73
N SER A 161 7.57 -8.90 -1.98
CA SER A 161 6.14 -8.61 -2.20
C SER A 161 5.83 -7.16 -1.83
N ASP A 162 6.46 -6.66 -0.76
CA ASP A 162 6.30 -5.29 -0.30
C ASP A 162 6.82 -4.29 -1.36
N VAL A 163 7.98 -4.60 -1.93
CA VAL A 163 8.57 -3.80 -3.02
C VAL A 163 7.69 -3.82 -4.26
N TRP A 164 7.21 -5.00 -4.59
CA TRP A 164 6.25 -5.16 -5.67
C TRP A 164 4.99 -4.31 -5.53
N LEU A 165 4.34 -4.41 -4.36
CA LEU A 165 3.11 -3.67 -4.12
C LEU A 165 3.39 -2.16 -4.26
N SER A 166 4.38 -1.64 -3.56
CA SER A 166 4.75 -0.24 -3.67
C SER A 166 4.91 0.21 -5.12
N ASN A 167 5.69 -0.53 -5.87
CA ASN A 167 5.88 -0.22 -7.29
C ASN A 167 4.62 -0.32 -8.13
N LEU A 168 3.75 -1.27 -7.78
CA LEU A 168 2.49 -1.42 -8.50
C LEU A 168 1.63 -0.18 -8.28
N LEU A 169 1.60 0.32 -7.05
CA LEU A 169 0.86 1.53 -6.72
C LEU A 169 1.40 2.74 -7.45
N ALA A 170 2.72 2.88 -7.52
CA ALA A 170 3.36 3.93 -8.34
C ALA A 170 3.00 3.80 -9.84
N TRP A 171 3.06 2.60 -10.39
CA TRP A 171 2.62 2.41 -11.76
C TRP A 171 1.15 2.80 -12.01
N LEU A 172 0.28 2.54 -11.04
CA LEU A 172 -1.14 2.80 -11.20
C LEU A 172 -1.41 4.28 -11.08
N THR A 173 -0.69 4.98 -10.21
CA THR A 173 -0.86 6.40 -10.05
C THR A 173 -0.01 7.21 -11.06
N ARG A 174 0.44 6.56 -12.14
CA ARG A 174 1.29 7.18 -13.14
C ARG A 174 2.52 7.87 -12.56
N ARG A 175 2.99 7.40 -11.42
CA ARG A 175 4.21 7.97 -10.84
C ARG A 175 5.41 7.23 -11.38
N ALA A 176 5.24 6.04 -11.96
CA ALA A 176 6.38 5.31 -12.52
C ALA A 176 5.94 4.57 -13.73
N SER A 177 6.83 4.43 -14.69
CA SER A 177 6.55 3.69 -15.91
C SER A 177 6.81 2.20 -15.66
N ALA A 178 6.46 1.37 -16.62
CA ALA A 178 6.75 -0.06 -16.51
C ALA A 178 8.25 -0.34 -16.44
N THR A 179 9.04 0.47 -17.13
CA THR A 179 10.50 0.33 -17.10
C THR A 179 11.06 0.60 -15.72
N ASP A 180 10.64 1.70 -15.10
CA ASP A 180 11.08 2.07 -13.76
C ASP A 180 10.80 0.95 -12.78
N VAL A 181 9.65 0.32 -12.95
CA VAL A 181 9.17 -0.73 -12.05
C VAL A 181 10.03 -1.98 -12.14
N SER A 182 10.30 -2.46 -13.35
CA SER A 182 11.21 -3.59 -13.50
C SER A 182 12.63 -3.26 -13.08
N LYS A 183 13.09 -2.03 -13.31
CA LYS A 183 14.39 -1.66 -12.80
C LYS A 183 14.44 -1.72 -11.26
N ARG A 184 13.42 -1.19 -10.59
CA ARG A 184 13.43 -1.21 -9.13
C ARG A 184 13.21 -2.62 -8.58
N LEU A 185 12.49 -3.44 -9.30
CA LEU A 185 12.24 -4.76 -8.81
C LEU A 185 13.47 -5.64 -8.89
N ASP A 186 14.12 -5.68 -10.06
CA ASP A 186 15.32 -6.50 -10.15
C ASP A 186 16.46 -5.89 -9.35
N LEU A 187 16.41 -4.60 -9.10
CA LEU A 187 17.34 -4.04 -8.17
C LEU A 187 17.15 -4.66 -6.77
N ALA A 188 15.91 -4.83 -6.34
CA ALA A 188 15.66 -5.32 -4.97
C ALA A 188 16.03 -6.79 -4.87
N VAL A 189 15.62 -7.56 -5.87
CA VAL A 189 15.92 -8.97 -5.96
C VAL A 189 17.42 -9.23 -5.83
N ARG A 190 18.20 -8.46 -6.57
CA ARG A 190 19.62 -8.64 -6.55
C ARG A 190 20.19 -8.30 -5.15
N LEU A 191 19.72 -7.24 -4.50
CA LEU A 191 20.24 -6.84 -3.15
C LEU A 191 19.91 -7.84 -2.03
N LEU A 192 18.99 -8.75 -2.28
CA LEU A 192 18.62 -9.75 -1.30
C LEU A 192 19.05 -11.15 -1.76
N ILE A 193 19.77 -11.26 -2.86
CA ILE A 193 20.33 -12.53 -3.28
C ILE A 193 21.77 -12.34 -3.74
N SER B 11 -1.13 34.79 -0.03
CA SER B 11 -1.71 35.66 1.05
C SER B 11 -1.40 35.09 2.42
N GLU B 12 -1.36 35.93 3.45
CA GLU B 12 -1.34 35.43 4.82
C GLU B 12 -2.72 34.87 5.16
N ALA B 13 -3.77 35.41 4.53
CA ALA B 13 -5.13 34.87 4.67
C ALA B 13 -5.15 33.47 4.10
N GLN B 14 -4.66 33.31 2.86
CA GLN B 14 -4.60 32.00 2.21
C GLN B 14 -3.82 30.98 3.06
N ARG B 15 -2.72 31.38 3.67
CA ARG B 15 -1.93 30.44 4.45
C ARG B 15 -2.53 30.18 5.82
N GLU B 16 -3.07 31.21 6.46
CA GLU B 16 -3.77 31.02 7.73
C GLU B 16 -4.92 30.02 7.49
N ARG B 17 -5.62 30.15 6.37
CA ARG B 17 -6.77 29.31 6.10
C ARG B 17 -6.35 27.86 5.73
N ARG B 18 -5.19 27.72 5.08
CA ARG B 18 -4.69 26.42 4.70
C ARG B 18 -4.30 25.63 5.95
N LYS B 19 -3.75 26.33 6.93
CA LYS B 19 -3.26 25.74 8.17
C LYS B 19 -4.41 25.36 9.07
N ARG B 20 -5.44 26.21 9.13
CA ARG B 20 -6.65 25.91 9.87
C ARG B 20 -7.33 24.65 9.35
N ILE B 21 -7.34 24.48 8.03
CA ILE B 21 -7.97 23.32 7.41
C ILE B 21 -7.18 22.01 7.72
N LEU B 22 -5.84 22.06 7.69
CA LEU B 22 -5.09 20.84 7.92
C LEU B 22 -5.13 20.50 9.41
N ASP B 23 -5.01 21.51 10.26
CA ASP B 23 -5.20 21.35 11.71
C ASP B 23 -6.59 20.75 12.02
N ALA B 24 -7.65 21.28 11.42
CA ALA B 24 -8.99 20.75 11.60
C ALA B 24 -8.94 19.28 11.31
N THR B 25 -8.40 18.97 10.13
CA THR B 25 -8.31 17.59 9.60
C THR B 25 -7.61 16.61 10.58
N MET B 26 -6.45 16.98 11.09
CA MET B 26 -5.72 16.11 12.00
C MET B 26 -6.36 15.95 13.35
N ALA B 27 -6.97 17.01 13.88
CA ALA B 27 -7.69 16.93 15.14
C ALA B 27 -8.85 15.97 15.01
N ILE B 28 -9.55 16.04 13.88
CA ILE B 28 -10.71 15.20 13.71
C ILE B 28 -10.27 13.76 13.47
N ALA B 29 -9.18 13.61 12.73
CA ALA B 29 -8.65 12.29 12.41
C ALA B 29 -8.16 11.56 13.65
N SER B 30 -7.55 12.31 14.56
CA SER B 30 -7.14 11.80 15.89
C SER B 30 -8.27 11.12 16.63
N LYS B 31 -9.33 11.85 16.88
CA LYS B 31 -10.49 11.32 17.58
C LYS B 31 -11.31 10.27 16.80
N GLY B 32 -11.19 10.22 15.46
CA GLY B 32 -12.08 9.32 14.72
C GLY B 32 -11.59 8.61 13.47
N GLY B 33 -10.36 8.88 13.04
CA GLY B 33 -9.80 8.21 11.88
C GLY B 33 -10.52 8.56 10.60
N TYR B 34 -10.33 7.72 9.60
CA TYR B 34 -10.74 8.05 8.25
C TYR B 34 -12.22 8.35 8.13
N GLU B 35 -13.06 7.49 8.70
CA GLU B 35 -14.52 7.62 8.55
C GLU B 35 -14.97 8.99 9.03
N ALA B 36 -14.32 9.54 10.07
CA ALA B 36 -14.74 10.81 10.70
C ALA B 36 -14.21 12.04 10.02
N VAL B 37 -13.30 11.87 9.06
CA VAL B 37 -12.79 13.02 8.29
C VAL B 37 -13.82 13.33 7.23
N GLN B 38 -14.85 14.05 7.67
CA GLN B 38 -15.98 14.34 6.78
C GLN B 38 -15.83 15.77 6.38
N MET B 39 -16.06 15.99 5.11
CA MET B 39 -15.85 17.29 4.50
C MET B 39 -16.70 18.38 5.12
N ARG B 40 -17.96 18.11 5.43
CA ARG B 40 -18.76 19.14 6.18
C ARG B 40 -18.15 19.45 7.51
N ALA B 41 -17.65 18.41 8.21
CA ALA B 41 -17.07 18.58 9.55
C ALA B 41 -15.77 19.37 9.54
N VAL B 42 -14.93 19.08 8.56
CA VAL B 42 -13.63 19.75 8.43
C VAL B 42 -13.87 21.26 8.19
N ALA B 43 -14.69 21.55 7.18
CA ALA B 43 -15.07 22.93 6.87
C ALA B 43 -15.59 23.63 8.12
N ASP B 44 -16.60 23.07 8.74
CA ASP B 44 -17.13 23.66 9.98
C ASP B 44 -16.03 23.95 11.01
N ARG B 45 -15.26 22.92 11.36
CA ARG B 45 -14.13 23.06 12.29
C ARG B 45 -13.12 24.14 11.87
N ALA B 46 -12.82 24.28 10.58
CA ALA B 46 -11.87 25.30 10.11
C ALA B 46 -12.53 26.66 9.85
N ASP B 47 -13.83 26.75 10.14
CA ASP B 47 -14.65 27.95 9.90
C ASP B 47 -14.59 28.37 8.44
N VAL B 48 -14.92 27.48 7.54
CA VAL B 48 -14.91 27.83 6.14
C VAL B 48 -16.05 27.11 5.57
N ALA B 49 -16.52 27.56 4.41
CA ALA B 49 -17.60 26.89 3.76
C ALA B 49 -16.98 25.77 2.93
N VAL B 50 -17.84 24.85 2.52
CA VAL B 50 -17.38 23.64 1.87
C VAL B 50 -16.74 24.01 0.55
N GLY B 51 -17.35 24.95 -0.18
CA GLY B 51 -16.78 25.41 -1.45
C GLY B 51 -15.40 25.99 -1.31
N THR B 52 -15.12 26.64 -0.20
CA THR B 52 -13.80 27.16 0.10
C THR B 52 -12.83 25.99 0.44
N LEU B 53 -13.33 25.01 1.20
CA LEU B 53 -12.57 23.78 1.46
C LEU B 53 -12.11 23.13 0.15
N TYR B 54 -13.05 22.85 -0.74
CA TYR B 54 -12.72 22.32 -2.06
C TYR B 54 -11.86 23.20 -2.94
N ARG B 55 -11.88 24.53 -2.73
CA ARG B 55 -10.90 25.41 -3.40
C ARG B 55 -9.45 25.05 -2.95
N TYR B 56 -9.22 24.90 -1.65
CA TYR B 56 -7.87 24.60 -1.15
C TYR B 56 -7.41 23.17 -1.48
N PHE B 57 -8.31 22.21 -1.39
CA PHE B 57 -8.02 20.75 -1.46
C PHE B 57 -9.18 20.15 -2.18
N PRO B 58 -8.95 19.67 -3.42
CA PRO B 58 -10.04 19.20 -4.27
C PRO B 58 -10.64 17.80 -3.94
N SER B 59 -10.13 17.10 -2.92
CA SER B 59 -10.73 15.81 -2.52
C SER B 59 -10.30 15.45 -1.11
N LYS B 60 -11.09 14.58 -0.50
CA LYS B 60 -10.85 14.20 0.86
C LYS B 60 -9.44 13.63 0.91
N VAL B 61 -9.07 12.93 -0.15
CA VAL B 61 -7.79 12.28 -0.23
C VAL B 61 -6.61 13.23 -0.49
N HIS B 62 -6.77 14.19 -1.42
CA HIS B 62 -5.80 15.32 -1.51
C HIS B 62 -5.61 15.93 -0.13
N LEU B 63 -6.70 16.12 0.58
CA LEU B 63 -6.60 16.79 1.88
C LEU B 63 -5.74 16.00 2.90
N LEU B 64 -6.02 14.72 2.99
CA LEU B 64 -5.37 13.87 3.97
C LEU B 64 -3.93 13.57 3.59
N VAL B 65 -3.67 13.42 2.29
CA VAL B 65 -2.29 13.24 1.82
C VAL B 65 -1.44 14.52 1.91
N SER B 66 -2.06 15.72 1.83
CA SER B 66 -1.33 16.97 2.16
C SER B 66 -1.06 17.03 3.67
N ALA B 67 -1.98 16.55 4.52
CA ALA B 67 -1.75 16.58 5.95
C ALA B 67 -0.57 15.65 6.29
N LEU B 68 -0.51 14.52 5.61
CA LEU B 68 0.57 13.56 5.80
C LEU B 68 1.91 14.16 5.34
N GLY B 69 1.85 14.89 4.20
CA GLY B 69 3.01 15.62 3.68
C GLY B 69 3.55 16.60 4.71
N ARG B 70 2.67 17.42 5.27
CA ARG B 70 3.10 18.43 6.24
C ARG B 70 3.66 17.81 7.50
N GLU B 71 3.17 16.64 7.88
N GLU B 71 3.14 16.64 7.86
CA GLU B 71 3.62 16.01 9.11
CA GLU B 71 3.56 15.92 9.04
C GLU B 71 4.99 15.31 8.94
C GLU B 71 4.99 15.37 8.89
N PHE B 72 5.26 14.69 7.78
CA PHE B 72 6.59 14.10 7.57
C PHE B 72 7.62 15.18 7.37
N SER B 73 7.20 16.23 6.68
CA SER B 73 7.95 17.45 6.58
C SER B 73 8.41 17.93 7.97
N ARG B 74 7.48 18.00 8.93
CA ARG B 74 7.77 18.48 10.29
C ARG B 74 8.72 17.55 11.05
N ILE B 75 8.36 16.27 11.10
CA ILE B 75 9.22 15.23 11.64
C ILE B 75 10.61 15.40 11.05
N ASP B 76 10.71 15.53 9.71
CA ASP B 76 12.01 15.67 9.02
C ASP B 76 12.95 16.64 9.75
N ALA B 77 12.49 17.86 10.07
CA ALA B 77 13.30 18.83 10.86
C ALA B 77 13.59 18.36 12.29
N LYS B 78 12.54 18.02 13.03
CA LYS B 78 12.72 17.46 14.38
C LYS B 78 13.87 16.45 14.49
N THR B 79 14.17 15.72 13.40
CA THR B 79 15.12 14.59 13.46
C THR B 79 16.42 14.75 12.64
N ASP B 80 16.87 15.99 12.40
CA ASP B 80 18.15 16.24 11.68
C ASP B 80 19.49 15.89 12.38
N ARG B 81 19.61 16.08 13.68
CA ARG B 81 20.83 15.65 14.38
C ARG B 81 20.75 14.19 14.78
N SER B 82 19.67 13.83 15.46
CA SER B 82 19.56 12.52 16.10
C SER B 82 19.68 11.37 15.09
N ALA B 83 18.99 11.50 13.97
CA ALA B 83 19.00 10.46 12.92
C ALA B 83 20.42 10.16 12.41
N VAL B 84 21.26 11.20 12.40
CA VAL B 84 22.72 11.08 12.19
C VAL B 84 23.50 11.07 13.54
N ALA B 85 23.00 10.35 14.55
CA ALA B 85 23.72 10.16 15.83
C ALA B 85 24.50 8.81 15.91
N GLY B 86 23.81 7.67 15.74
CA GLY B 86 24.46 6.33 15.72
C GLY B 86 25.74 6.19 14.90
N ALA B 87 26.66 5.34 15.37
CA ALA B 87 28.00 5.23 14.79
C ALA B 87 28.04 4.53 13.44
N THR B 88 27.04 3.71 13.13
CA THR B 88 27.08 2.92 11.91
C THR B 88 25.80 3.20 11.08
N PRO B 89 25.84 2.95 9.75
CA PRO B 89 24.60 3.01 8.96
C PRO B 89 23.46 2.22 9.58
N PHE B 90 23.69 0.92 9.81
CA PHE B 90 22.77 0.00 10.50
C PHE B 90 22.07 0.63 11.68
N GLN B 91 22.82 1.31 12.55
CA GLN B 91 22.25 1.89 13.76
C GLN B 91 21.36 3.06 13.37
N ARG B 92 21.85 3.88 12.44
CA ARG B 92 21.19 5.12 12.13
C ARG B 92 19.86 4.88 11.44
N LEU B 93 19.87 3.87 10.59
CA LEU B 93 18.67 3.40 9.94
C LEU B 93 17.68 2.80 10.94
N ASN B 94 18.14 1.88 11.77
CA ASN B 94 17.29 1.29 12.78
C ASN B 94 16.71 2.39 13.64
N PHE B 95 17.50 3.40 13.91
CA PHE B 95 17.02 4.47 14.74
C PHE B 95 15.89 5.22 14.01
N MET B 96 16.19 5.69 12.79
CA MET B 96 15.21 6.42 12.00
C MET B 96 13.91 5.68 11.84
N VAL B 97 14.00 4.37 11.65
CA VAL B 97 12.83 3.51 11.44
C VAL B 97 12.01 3.54 12.69
N GLY B 98 12.68 3.41 13.84
CA GLY B 98 11.99 3.36 15.11
C GLY B 98 11.35 4.69 15.45
N LYS B 99 12.04 5.79 15.14
CA LYS B 99 11.49 7.13 15.37
C LYS B 99 10.16 7.21 14.61
N LEU B 100 10.21 6.97 13.31
CA LEU B 100 9.00 7.06 12.50
C LEU B 100 7.90 6.09 12.90
N ASN B 101 8.29 4.89 13.34
CA ASN B 101 7.33 3.91 13.86
C ASN B 101 6.64 4.41 15.09
N ARG B 102 7.42 4.91 16.02
CA ARG B 102 6.82 5.42 17.24
C ARG B 102 5.96 6.62 16.96
N ALA B 103 6.26 7.39 15.92
CA ALA B 103 5.44 8.58 15.58
C ALA B 103 4.08 8.11 15.12
N MET B 104 4.05 7.15 14.21
CA MET B 104 2.80 6.63 13.69
C MET B 104 1.96 5.99 14.79
N GLN B 105 2.62 5.32 15.71
CA GLN B 105 1.92 4.57 16.74
C GLN B 105 1.35 5.50 17.82
N ARG B 106 1.88 6.72 17.92
CA ARG B 106 1.42 7.70 18.89
C ARG B 106 -0.08 7.92 18.79
N ASN B 107 -0.58 8.01 17.57
CA ASN B 107 -1.97 8.28 17.34
C ASN B 107 -2.59 7.40 16.26
N PRO B 108 -2.97 6.19 16.62
CA PRO B 108 -3.37 5.24 15.60
C PRO B 108 -4.46 5.72 14.60
N LEU B 109 -5.46 6.50 15.06
CA LEU B 109 -6.55 6.89 14.18
C LEU B 109 -6.09 7.96 13.20
N LEU B 110 -5.27 8.89 13.68
CA LEU B 110 -4.63 9.86 12.80
C LEU B 110 -3.79 9.20 11.73
N THR B 111 -2.99 8.21 12.14
CA THR B 111 -2.19 7.43 11.22
C THR B 111 -3.08 6.67 10.24
N GLU B 112 -4.16 6.10 10.74
CA GLU B 112 -5.09 5.37 9.90
C GLU B 112 -5.61 6.26 8.74
N ALA B 113 -6.07 7.47 9.08
CA ALA B 113 -6.74 8.33 8.11
C ALA B 113 -5.77 8.75 6.97
N MET B 114 -4.63 9.28 7.36
CA MET B 114 -3.62 9.70 6.41
C MET B 114 -3.04 8.55 5.59
N THR B 115 -2.69 7.42 6.22
CA THR B 115 -2.14 6.28 5.46
C THR B 115 -3.10 5.69 4.45
N ARG B 116 -4.38 5.57 4.82
CA ARG B 116 -5.35 4.99 3.86
C ARG B 116 -5.56 5.88 2.64
N ALA B 117 -5.57 7.20 2.85
CA ALA B 117 -5.58 8.17 1.73
C ALA B 117 -4.32 8.09 0.88
N TYR B 118 -3.20 8.08 1.57
CA TYR B 118 -1.93 7.87 0.89
C TYR B 118 -1.93 6.67 -0.10
N VAL B 119 -2.43 5.51 0.33
CA VAL B 119 -2.45 4.30 -0.53
C VAL B 119 -3.67 4.22 -1.44
N PHE B 120 -4.76 4.86 -1.01
CA PHE B 120 -5.94 4.92 -1.87
C PHE B 120 -5.74 5.91 -3.01
N ALA B 121 -4.93 6.96 -2.84
CA ALA B 121 -4.85 8.05 -3.83
C ALA B 121 -4.68 7.59 -5.29
N ASP B 122 -5.45 8.20 -6.20
CA ASP B 122 -5.26 7.96 -7.64
C ASP B 122 -4.28 9.00 -8.18
N ALA B 123 -4.09 8.94 -9.49
CA ALA B 123 -3.21 9.79 -10.27
C ALA B 123 -3.51 11.28 -10.11
N SER B 124 -4.76 11.64 -9.78
CA SER B 124 -5.07 13.05 -9.61
C SER B 124 -4.38 13.62 -8.37
N ALA B 125 -3.89 12.75 -7.48
CA ALA B 125 -3.08 13.22 -6.33
C ALA B 125 -1.63 12.77 -6.41
N ALA B 126 -1.22 12.26 -7.56
CA ALA B 126 0.13 11.79 -7.77
C ALA B 126 1.23 12.75 -7.28
N SER B 127 0.98 14.05 -7.28
CA SER B 127 2.04 14.98 -6.86
C SER B 127 2.13 15.09 -5.32
N GLU B 128 0.99 15.04 -4.63
CA GLU B 128 1.03 14.95 -3.18
C GLU B 128 1.63 13.58 -2.72
N VAL B 129 1.17 12.49 -3.33
CA VAL B 129 1.70 11.17 -2.98
C VAL B 129 3.23 11.12 -3.18
N ASP B 130 3.67 11.62 -4.33
CA ASP B 130 5.10 11.72 -4.66
C ASP B 130 5.96 12.45 -3.62
N GLN B 131 5.49 13.59 -3.11
CA GLN B 131 6.24 14.37 -2.13
C GLN B 131 6.47 13.62 -0.83
N VAL B 132 5.41 13.00 -0.33
CA VAL B 132 5.46 12.16 0.85
C VAL B 132 6.44 10.98 0.68
N GLU B 133 6.38 10.32 -0.48
CA GLU B 133 7.23 9.16 -0.74
C GLU B 133 8.69 9.59 -0.68
N LYS B 134 8.97 10.80 -1.17
CA LYS B 134 10.34 11.25 -1.28
C LYS B 134 10.86 11.86 0.00
N LEU B 135 10.00 12.49 0.80
CA LEU B 135 10.41 12.87 2.18
C LEU B 135 10.85 11.63 2.99
N ILE B 136 10.11 10.53 2.83
CA ILE B 136 10.37 9.34 3.61
C ILE B 136 11.65 8.66 3.10
N ASP B 137 11.68 8.27 1.83
CA ASP B 137 12.94 7.86 1.16
C ASP B 137 14.21 8.65 1.59
N SER B 138 14.09 9.96 1.65
CA SER B 138 15.20 10.84 1.98
C SER B 138 15.52 10.89 3.47
N MET B 139 14.51 10.86 4.33
CA MET B 139 14.79 10.73 5.75
C MET B 139 15.60 9.44 6.03
N PHE B 140 15.21 8.32 5.41
CA PHE B 140 15.91 7.06 5.59
C PHE B 140 17.32 7.05 5.01
N ALA B 141 17.45 7.54 3.78
CA ALA B 141 18.73 7.59 3.06
C ALA B 141 19.75 8.46 3.80
N ARG B 142 19.32 9.66 4.19
CA ARG B 142 20.17 10.59 4.91
C ARG B 142 20.51 10.11 6.35
N ALA B 143 19.72 9.19 6.90
CA ALA B 143 20.01 8.64 8.21
C ALA B 143 21.10 7.60 8.03
N MET B 144 20.87 6.68 7.10
CA MET B 144 21.90 5.72 6.65
C MET B 144 23.25 6.40 6.41
N ALA B 145 23.23 7.47 5.61
CA ALA B 145 24.42 8.11 5.08
C ALA B 145 25.05 9.13 6.03
N ASN B 146 24.28 9.65 6.96
CA ASN B 146 24.72 10.80 7.78
C ASN B 146 24.87 12.12 7.00
N GLY B 147 24.29 12.20 5.79
CA GLY B 147 24.45 13.37 4.91
C GLY B 147 23.83 13.06 3.56
N GLU B 148 24.36 13.64 2.49
CA GLU B 148 23.94 13.28 1.15
C GLU B 148 24.21 11.79 0.96
N PRO B 149 23.20 11.02 0.58
CA PRO B 149 23.48 9.59 0.36
C PRO B 149 24.12 9.27 -0.96
N THR B 150 24.77 8.13 -1.06
CA THR B 150 25.19 7.61 -2.35
C THR B 150 23.95 7.08 -3.04
N GLU B 151 24.10 6.74 -4.31
CA GLU B 151 23.00 6.14 -5.06
C GLU B 151 22.52 4.83 -4.42
N ASP B 152 23.46 4.00 -3.98
CA ASP B 152 23.17 2.70 -3.34
C ASP B 152 22.40 2.86 -2.01
N GLN B 153 22.73 3.90 -1.24
CA GLN B 153 21.97 4.20 -0.04
C GLN B 153 20.54 4.64 -0.33
N TYR B 154 20.32 5.31 -1.46
CA TYR B 154 19.00 5.79 -1.79
C TYR B 154 18.09 4.61 -2.14
N HIS B 155 18.65 3.66 -2.85
CA HIS B 155 17.92 2.49 -3.29
C HIS B 155 17.52 1.62 -2.12
N ILE B 156 18.43 1.50 -1.17
CA ILE B 156 18.17 0.75 0.04
C ILE B 156 17.09 1.48 0.81
N ALA B 157 17.24 2.80 0.96
CA ALA B 157 16.19 3.64 1.56
C ALA B 157 14.81 3.29 0.99
N ARG B 158 14.70 3.24 -0.35
CA ARG B 158 13.41 2.96 -0.99
C ARG B 158 12.82 1.59 -0.57
N VAL B 159 13.65 0.57 -0.54
CA VAL B 159 13.20 -0.77 -0.22
C VAL B 159 12.60 -0.78 1.18
N ILE B 160 13.30 -0.16 2.10
CA ILE B 160 12.88 -0.06 3.48
C ILE B 160 11.64 0.79 3.70
N SER B 161 11.43 1.84 2.92
CA SER B 161 10.17 2.55 3.01
C SER B 161 9.01 1.68 2.53
N ASP B 162 9.22 0.88 1.49
CA ASP B 162 8.21 -0.09 1.03
C ASP B 162 7.87 -1.14 2.10
N VAL B 163 8.89 -1.63 2.83
CA VAL B 163 8.66 -2.63 3.89
C VAL B 163 7.90 -1.98 5.04
N TRP B 164 8.36 -0.78 5.40
CA TRP B 164 7.68 0.06 6.36
C TRP B 164 6.18 0.30 6.08
N LEU B 165 5.85 0.78 4.90
CA LEU B 165 4.45 0.99 4.50
C LEU B 165 3.66 -0.32 4.55
N SER B 166 4.21 -1.38 3.99
CA SER B 166 3.48 -2.65 4.01
C SER B 166 3.14 -3.07 5.44
N ASN B 167 4.12 -2.97 6.31
CA ASN B 167 3.90 -3.32 7.70
C ASN B 167 2.95 -2.36 8.43
N LEU B 168 2.97 -1.08 8.04
CA LEU B 168 2.09 -0.12 8.70
C LEU B 168 0.65 -0.42 8.33
N LEU B 169 0.39 -0.87 7.11
CA LEU B 169 -0.93 -1.27 6.72
C LEU B 169 -1.38 -2.51 7.46
N ALA B 170 -0.45 -3.42 7.73
CA ALA B 170 -0.80 -4.68 8.42
C ALA B 170 -1.06 -4.35 9.89
N TRP B 171 -0.29 -3.49 10.49
CA TRP B 171 -0.64 -3.03 11.85
C TRP B 171 -2.05 -2.39 11.87
N LEU B 172 -2.28 -1.39 11.03
CA LEU B 172 -3.58 -0.73 10.92
C LEU B 172 -4.75 -1.70 10.73
N THR B 173 -4.60 -2.74 9.92
CA THR B 173 -5.65 -3.71 9.76
C THR B 173 -5.64 -4.82 10.86
N ARG B 174 -4.91 -4.60 11.95
CA ARG B 174 -4.78 -5.58 13.03
C ARG B 174 -4.39 -6.93 12.50
N ARG B 175 -3.54 -6.96 11.47
CA ARG B 175 -3.03 -8.22 10.95
C ARG B 175 -1.65 -8.45 11.53
N ALA B 176 -1.03 -7.42 12.11
CA ALA B 176 0.26 -7.59 12.78
C ALA B 176 0.28 -6.72 13.98
N SER B 177 0.95 -7.17 15.03
CA SER B 177 1.17 -6.38 16.22
C SER B 177 2.37 -5.49 16.04
N ALA B 178 2.54 -4.60 17.01
CA ALA B 178 3.73 -3.78 17.08
C ALA B 178 5.03 -4.60 17.13
N THR B 179 5.00 -5.72 17.85
CA THR B 179 6.16 -6.62 17.86
C THR B 179 6.41 -7.25 16.50
N ASP B 180 5.37 -7.79 15.85
CA ASP B 180 5.52 -8.40 14.54
C ASP B 180 6.21 -7.40 13.63
N VAL B 181 5.79 -6.13 13.68
CA VAL B 181 6.36 -5.07 12.82
C VAL B 181 7.81 -4.71 13.08
N SER B 182 8.18 -4.54 14.35
CA SER B 182 9.59 -4.36 14.71
C SER B 182 10.43 -5.45 14.12
N LYS B 183 9.96 -6.69 14.22
CA LYS B 183 10.78 -7.81 13.84
C LYS B 183 10.93 -7.87 12.33
N ARG B 184 9.91 -7.52 11.58
CA ARG B 184 10.00 -7.56 10.13
C ARG B 184 10.87 -6.42 9.59
N LEU B 185 10.81 -5.28 10.24
CA LEU B 185 11.67 -4.19 9.85
C LEU B 185 13.12 -4.59 10.11
N ASP B 186 13.48 -4.84 11.36
CA ASP B 186 14.78 -5.41 11.71
C ASP B 186 15.24 -6.37 10.62
N LEU B 187 14.41 -7.33 10.31
CA LEU B 187 14.84 -8.34 9.39
C LEU B 187 15.20 -7.76 8.01
N ALA B 188 14.46 -6.73 7.59
CA ALA B 188 14.72 -6.17 6.29
C ALA B 188 16.01 -5.34 6.39
N VAL B 189 16.17 -4.55 7.43
CA VAL B 189 17.37 -3.71 7.58
C VAL B 189 18.64 -4.56 7.64
N ARG B 190 18.52 -5.81 8.15
CA ARG B 190 19.66 -6.74 8.18
C ARG B 190 19.97 -7.27 6.80
N LEU B 191 18.96 -7.84 6.16
CA LEU B 191 19.10 -8.36 4.78
C LEU B 191 19.70 -7.35 3.80
N LEU B 192 19.73 -6.07 4.17
CA LEU B 192 20.21 -4.97 3.30
C LEU B 192 21.45 -4.22 3.83
N ILE B 193 21.89 -4.48 5.05
CA ILE B 193 23.14 -3.91 5.52
C ILE B 193 24.01 -5.00 6.11
#